data_3QSD
#
_entry.id   3QSD
#
_cell.length_a   33.177
_cell.length_b   79.160
_cell.length_c   90.610
_cell.angle_alpha   90.00
_cell.angle_beta   90.00
_cell.angle_gamma   90.00
#
_symmetry.space_group_name_H-M   'P 21 21 21'
#
loop_
_entity.id
_entity.type
_entity.pdbx_description
1 polymer 'Cathepsin B-like peptidase (C01 family)'
2 non-polymer [PROPYLAMINO-3-HYDROXY-BUTAN-1,4-DIONYL]-ISOLEUCYL-PROLINE
3 non-polymer DI(HYDROXYETHYL)ETHER
4 non-polymer 'ACETATE ION'
5 water water
#
_entity_poly.entity_id   1
_entity_poly.type   'polypeptide(L)'
_entity_poly.pdbx_seq_one_letter_code
;VEIPSSFDSRKKWPRCKSIATIRDQSRCGSCWAFGAVEAMSDRSCIQSGGKQNVELSAVDLLSCCESCGLGCEGGILGPA
WDYWVKEGIVTGSSKENHAGCEPYPFPKCEHHTKGKYPPCGSKIYKTPRCKQTCQKKYKTPYTQDKHRGKSSYNVKNDEK
AIQKEIMKYGPVEAGFTVYEDFLNYKSGIYKHITGETLGGHAIRIIGWGVENKAPYWLIANSWNEDWGENGYFRIVRGRD
ECSIESEVTAGRIN
;
_entity_poly.pdbx_strand_id   A
#
# COMPACT_ATOMS: atom_id res chain seq x y z
N GLU A 2 -6.63 15.91 20.14
CA GLU A 2 -7.41 14.77 20.65
C GLU A 2 -7.72 13.82 19.48
N ILE A 3 -7.56 12.54 19.76
CA ILE A 3 -7.77 11.53 18.75
C ILE A 3 -9.25 11.09 18.76
N PRO A 4 -9.95 11.17 17.62
CA PRO A 4 -11.35 10.73 17.60
C PRO A 4 -11.45 9.21 17.70
N SER A 5 -12.62 8.70 18.08
CA SER A 5 -12.86 7.25 18.18
CA SER A 5 -12.78 7.24 18.22
C SER A 5 -12.70 6.53 16.89
N SER A 6 -12.96 7.24 15.79
CA SER A 6 -12.83 6.69 14.47
CA SER A 6 -12.77 6.67 14.47
C SER A 6 -12.21 7.72 13.54
N PHE A 7 -11.54 7.23 12.51
CA PHE A 7 -10.99 8.13 11.49
C PHE A 7 -10.91 7.36 10.20
N ASP A 8 -11.24 8.03 9.10
CA ASP A 8 -11.15 7.39 7.79
C ASP A 8 -10.56 8.40 6.84
N SER A 9 -9.34 8.12 6.33
CA SER A 9 -8.70 9.08 5.40
C SER A 9 -9.56 9.36 4.16
N ARG A 10 -10.39 8.38 3.74
CA ARG A 10 -11.21 8.59 2.55
C ARG A 10 -12.23 9.69 2.79
N LYS A 11 -12.64 9.86 4.04
CA LYS A 11 -13.61 10.91 4.40
C LYS A 11 -12.98 12.26 4.65
N LYS A 12 -11.72 12.29 5.14
CA LYS A 12 -11.09 13.59 5.35
C LYS A 12 -10.67 14.24 4.06
N TRP A 13 -10.19 13.43 3.10
CA TRP A 13 -9.60 14.02 1.87
C TRP A 13 -10.24 13.41 0.62
N PRO A 14 -11.54 13.58 0.49
CA PRO A 14 -12.26 12.89 -0.62
C PRO A 14 -11.91 13.41 -2.03
N ARG A 15 -11.25 14.57 -2.13
CA ARG A 15 -10.71 15.02 -3.43
CA ARG A 15 -10.80 14.94 -3.46
C ARG A 15 -9.60 14.17 -3.96
N CYS A 16 -9.00 13.36 -3.12
CA CYS A 16 -7.83 12.61 -3.54
C CYS A 16 -8.29 11.18 -3.87
N LYS A 17 -8.45 10.92 -5.16
CA LYS A 17 -9.04 9.67 -5.61
CA LYS A 17 -8.95 9.67 -5.73
C LYS A 17 -8.25 8.44 -5.21
N SER A 18 -6.95 8.59 -5.00
CA SER A 18 -6.17 7.39 -4.72
C SER A 18 -6.55 6.78 -3.37
N ILE A 19 -7.05 7.58 -2.43
CA ILE A 19 -7.19 7.08 -1.07
C ILE A 19 -8.18 5.93 -1.01
N ALA A 20 -9.23 5.99 -1.81
CA ALA A 20 -10.24 4.94 -1.86
C ALA A 20 -10.02 3.96 -3.01
N THR A 21 -8.82 3.89 -3.55
CA THR A 21 -8.53 2.95 -4.62
C THR A 21 -7.83 1.72 -4.09
N ILE A 22 -8.35 0.55 -4.37
CA ILE A 22 -7.70 -0.70 -4.04
C ILE A 22 -6.98 -1.22 -5.29
N ARG A 23 -5.75 -1.66 -5.10
CA ARG A 23 -4.91 -2.19 -6.21
C ARG A 23 -4.77 -3.72 -6.07
N ASP A 24 -4.14 -4.30 -7.09
CA ASP A 24 -3.86 -5.75 -7.15
C ASP A 24 -2.43 -5.97 -7.56
N GLN A 25 -1.64 -6.53 -6.63
CA GLN A 25 -0.24 -6.81 -6.91
C GLN A 25 0.00 -8.02 -7.83
N SER A 26 -1.06 -8.77 -8.13
CA SER A 26 -0.97 -9.93 -9.02
C SER A 26 -0.03 -11.03 -8.45
N ARG A 27 0.52 -11.85 -9.33
CA ARG A 27 1.32 -13.02 -8.94
C ARG A 27 2.77 -12.63 -8.69
N CYS A 28 2.95 -11.75 -7.73
CA CYS A 28 4.27 -11.15 -7.50
C CYS A 28 4.31 -10.73 -6.04
N GLY A 29 5.41 -10.98 -5.33
CA GLY A 29 5.52 -10.61 -3.92
C GLY A 29 5.93 -9.15 -3.75
N SER A 30 5.17 -8.25 -4.38
CA SER A 30 5.48 -6.84 -4.39
C SER A 30 4.62 -6.03 -3.43
N CYS A 31 4.12 -6.66 -2.37
CA CYS A 31 3.31 -5.91 -1.41
C CYS A 31 4.05 -4.70 -0.91
N TRP A 32 5.35 -4.83 -0.69
CA TRP A 32 6.15 -3.69 -0.22
C TRP A 32 6.02 -2.45 -1.13
N ALA A 33 5.98 -2.68 -2.45
CA ALA A 33 5.96 -1.59 -3.42
C ALA A 33 4.56 -1.05 -3.54
N PHE A 34 3.55 -1.92 -3.37
CA PHE A 34 2.15 -1.47 -3.44
C PHE A 34 1.82 -0.61 -2.25
N GLY A 35 2.10 -1.06 -1.01
CA GLY A 35 1.78 -0.20 0.12
C GLY A 35 2.48 1.14 0.01
N ALA A 36 3.71 1.14 -0.54
CA ALA A 36 4.47 2.39 -0.72
C ALA A 36 3.79 3.28 -1.73
N VAL A 37 3.61 2.85 -2.99
CA VAL A 37 3.10 3.81 -3.97
C VAL A 37 1.66 4.21 -3.67
N GLU A 38 0.88 3.35 -3.00
CA GLU A 38 -0.47 3.78 -2.63
C GLU A 38 -0.40 4.91 -1.62
N ALA A 39 0.37 4.72 -0.54
CA ALA A 39 0.42 5.78 0.49
C ALA A 39 1.14 7.04 -0.07
N MET A 40 2.12 6.86 -0.95
CA MET A 40 2.79 8.03 -1.56
C MET A 40 1.82 8.75 -2.48
N SER A 41 0.96 8.03 -3.20
CA SER A 41 -0.02 8.70 -4.07
C SER A 41 -0.96 9.52 -3.20
N ASP A 42 -1.44 8.90 -2.11
CA ASP A 42 -2.36 9.59 -1.19
C ASP A 42 -1.69 10.85 -0.67
N ARG A 43 -0.48 10.69 -0.14
CA ARG A 43 0.19 11.84 0.53
C ARG A 43 0.60 12.92 -0.44
N SER A 44 0.93 12.54 -1.66
CA SER A 44 1.27 13.58 -2.68
C SER A 44 0.07 14.46 -2.91
N CYS A 45 -1.14 13.87 -2.92
CA CYS A 45 -2.36 14.68 -3.14
C CYS A 45 -2.70 15.44 -1.86
N ILE A 46 -2.76 14.74 -0.73
CA ILE A 46 -3.16 15.40 0.55
C ILE A 46 -2.24 16.59 0.85
N GLN A 47 -0.91 16.39 0.73
CA GLN A 47 0.04 17.38 1.20
C GLN A 47 0.24 18.53 0.21
N SER A 48 -0.25 18.35 -1.02
CA SER A 48 -0.22 19.40 -2.03
C SER A 48 -1.58 20.07 -2.20
N GLY A 49 -2.49 19.87 -1.24
CA GLY A 49 -3.79 20.48 -1.40
C GLY A 49 -4.52 20.06 -2.65
N GLY A 50 -4.29 18.84 -3.11
CA GLY A 50 -4.96 18.31 -4.33
C GLY A 50 -4.29 18.69 -5.62
N LYS A 51 -3.13 19.38 -5.58
CA LYS A 51 -2.43 19.74 -6.83
C LYS A 51 -1.90 18.53 -7.56
N GLN A 52 -1.26 17.64 -6.82
CA GLN A 52 -0.85 16.36 -7.39
C GLN A 52 -2.03 15.41 -7.21
N ASN A 53 -2.43 14.93 -8.36
N ASN A 53 -2.59 14.86 -8.24
CA ASN A 53 -3.49 13.95 -8.52
CA ASN A 53 -3.69 13.92 -7.95
C ASN A 53 -2.93 12.86 -9.30
C ASN A 53 -3.36 12.76 -8.90
N VAL A 54 -2.25 12.01 -8.59
CA VAL A 54 -1.46 11.01 -9.34
C VAL A 54 -1.74 9.62 -8.82
N GLU A 55 -1.67 8.64 -9.72
CA GLU A 55 -1.59 7.26 -9.30
CA GLU A 55 -1.60 7.27 -9.30
C GLU A 55 -0.16 6.84 -9.60
N LEU A 56 0.67 6.68 -8.56
CA LEU A 56 2.10 6.38 -8.80
C LEU A 56 2.28 4.93 -9.21
N SER A 57 3.27 4.74 -10.07
CA SER A 57 3.54 3.46 -10.72
C SER A 57 4.19 2.43 -9.77
N ALA A 58 3.47 1.34 -9.47
CA ALA A 58 4.07 0.26 -8.69
C ALA A 58 5.24 -0.35 -9.46
N VAL A 59 5.14 -0.48 -10.79
CA VAL A 59 6.21 -1.18 -11.53
C VAL A 59 7.49 -0.37 -11.54
N ASP A 60 7.41 0.96 -11.58
CA ASP A 60 8.62 1.75 -11.58
C ASP A 60 9.42 1.48 -10.30
N LEU A 61 8.72 1.57 -9.15
CA LEU A 61 9.40 1.34 -7.89
C LEU A 61 9.89 -0.14 -7.81
N LEU A 62 9.01 -1.09 -8.13
CA LEU A 62 9.32 -2.51 -8.02
C LEU A 62 10.54 -2.88 -8.87
N SER A 63 10.61 -2.31 -10.08
CA SER A 63 11.65 -2.73 -11.05
C SER A 63 12.96 -1.95 -10.91
N CYS A 64 12.87 -0.69 -10.46
CA CYS A 64 14.06 0.17 -10.55
C CYS A 64 14.77 0.43 -9.22
N CYS A 65 14.13 0.12 -8.07
CA CYS A 65 14.81 0.39 -6.83
C CYS A 65 15.70 -0.78 -6.51
N GLU A 66 17.01 -0.56 -6.65
CA GLU A 66 18.07 -1.55 -6.44
CA GLU A 66 17.91 -1.71 -6.44
C GLU A 66 18.31 -1.95 -4.98
N SER A 67 17.92 -1.06 -4.08
CA SER A 67 18.20 -1.23 -2.67
CA SER A 67 18.21 -1.18 -2.67
C SER A 67 17.00 -1.67 -1.88
N CYS A 68 15.91 -1.97 -2.57
CA CYS A 68 14.65 -2.26 -1.90
C CYS A 68 14.43 -3.77 -1.71
N GLY A 69 15.41 -4.61 -2.02
CA GLY A 69 15.26 -6.04 -1.79
C GLY A 69 15.18 -6.83 -3.08
N LEU A 70 14.26 -7.80 -3.08
CA LEU A 70 14.22 -8.85 -4.10
C LEU A 70 13.02 -8.76 -5.04
N GLY A 71 12.41 -7.58 -5.12
CA GLY A 71 11.40 -7.36 -6.15
C GLY A 71 10.14 -8.20 -5.95
N CYS A 72 9.86 -9.08 -6.91
CA CYS A 72 8.71 -10.03 -6.76
C CYS A 72 8.96 -11.13 -5.73
N GLU A 73 10.13 -11.14 -5.12
CA GLU A 73 10.41 -12.03 -3.98
CA GLU A 73 10.38 -12.04 -3.98
C GLU A 73 10.46 -11.28 -2.68
N GLY A 74 9.85 -10.09 -2.62
CA GLY A 74 9.75 -9.36 -1.33
C GLY A 74 10.72 -8.23 -1.23
N GLY A 75 10.42 -7.25 -0.38
CA GLY A 75 11.24 -6.04 -0.33
C GLY A 75 11.28 -5.43 1.08
N ILE A 76 11.67 -4.18 1.13
CA ILE A 76 12.06 -3.53 2.40
C ILE A 76 11.49 -2.13 2.34
N LEU A 77 10.83 -1.71 3.42
CA LEU A 77 10.02 -0.48 3.39
CA LEU A 77 10.02 -0.48 3.37
C LEU A 77 10.85 0.78 3.40
N GLY A 78 11.83 0.86 4.30
CA GLY A 78 12.59 2.12 4.37
C GLY A 78 13.20 2.53 3.02
N PRO A 79 13.91 1.60 2.35
CA PRO A 79 14.53 1.97 1.07
C PRO A 79 13.51 2.36 0.01
N ALA A 80 12.29 1.84 0.09
CA ALA A 80 11.26 2.24 -0.88
C ALA A 80 10.91 3.71 -0.76
N TRP A 81 10.78 4.17 0.49
CA TRP A 81 10.47 5.57 0.71
C TRP A 81 11.71 6.43 0.42
N ASP A 82 12.90 5.92 0.72
CA ASP A 82 14.12 6.67 0.34
C ASP A 82 14.18 6.85 -1.18
N TYR A 83 13.81 5.83 -1.95
CA TYR A 83 13.83 5.90 -3.41
C TYR A 83 12.87 6.98 -3.89
N TRP A 84 11.69 7.04 -3.31
CA TRP A 84 10.74 8.11 -3.62
C TRP A 84 11.32 9.51 -3.38
N VAL A 85 12.01 9.66 -2.25
CA VAL A 85 12.65 10.97 -1.97
C VAL A 85 13.75 11.27 -2.97
N LYS A 86 14.62 10.31 -3.25
CA LYS A 86 15.82 10.62 -4.04
C LYS A 86 15.55 10.62 -5.54
N GLU A 87 15.00 9.52 -6.04
CA GLU A 87 14.80 9.35 -7.48
CA GLU A 87 14.80 9.37 -7.48
C GLU A 87 13.38 9.72 -7.90
N GLY A 88 12.41 9.55 -7.00
CA GLY A 88 11.03 9.80 -7.38
C GLY A 88 10.46 8.60 -8.10
N ILE A 89 9.14 8.62 -8.31
CA ILE A 89 8.43 7.49 -8.98
C ILE A 89 7.51 8.11 -10.03
N VAL A 90 7.38 7.49 -11.22
CA VAL A 90 6.50 8.02 -12.24
C VAL A 90 5.07 7.58 -12.00
N THR A 91 4.16 8.02 -12.83
CA THR A 91 2.76 7.62 -12.75
C THR A 91 2.51 6.29 -13.49
N GLY A 92 1.45 5.59 -13.10
CA GLY A 92 1.07 4.36 -13.83
C GLY A 92 -0.03 3.65 -13.10
N SER A 93 -1.08 3.28 -13.83
CA SER A 93 -2.28 2.62 -13.31
C SER A 93 -2.12 1.11 -13.35
N SER A 94 -3.25 0.42 -13.18
CA SER A 94 -3.29 -1.03 -13.37
C SER A 94 -3.10 -1.42 -14.82
N LYS A 95 -2.84 -2.71 -15.07
CA LYS A 95 -2.74 -3.19 -16.43
C LYS A 95 -4.02 -2.88 -17.19
N GLU A 96 -5.15 -3.15 -16.57
CA GLU A 96 -6.44 -3.06 -17.22
C GLU A 96 -6.78 -1.62 -17.56
N ASN A 97 -6.35 -0.67 -16.74
CA ASN A 97 -6.66 0.75 -17.03
C ASN A 97 -5.66 1.43 -17.96
N HIS A 98 -4.47 0.89 -17.96
CA HIS A 98 -3.34 1.34 -18.76
C HIS A 98 -3.23 2.87 -18.97
N ALA A 99 -3.22 3.55 -17.85
CA ALA A 99 -3.03 5.02 -17.82
C ALA A 99 -1.69 5.33 -17.18
N GLY A 100 -1.24 6.52 -17.49
CA GLY A 100 0.01 7.02 -16.92
C GLY A 100 1.24 6.56 -17.64
N CYS A 101 2.41 6.85 -17.04
CA CYS A 101 3.68 6.59 -17.71
C CYS A 101 3.93 5.07 -17.80
N GLU A 102 3.82 4.35 -16.67
CA GLU A 102 4.19 2.93 -16.63
C GLU A 102 3.14 2.13 -15.87
N PRO A 103 2.08 1.72 -16.58
CA PRO A 103 1.06 0.90 -15.95
C PRO A 103 1.63 -0.47 -15.54
N TYR A 104 0.98 -1.13 -14.59
CA TYR A 104 1.49 -2.37 -14.07
C TYR A 104 1.38 -3.49 -15.14
N PRO A 105 2.39 -4.36 -15.29
CA PRO A 105 2.34 -5.33 -16.41
C PRO A 105 1.54 -6.60 -16.12
N PHE A 106 1.10 -6.78 -14.89
CA PHE A 106 0.54 -8.08 -14.49
C PHE A 106 -0.97 -7.97 -14.22
N PRO A 107 -1.76 -9.00 -14.55
CA PRO A 107 -3.20 -8.94 -14.46
C PRO A 107 -3.78 -9.19 -13.08
N LYS A 108 -5.01 -8.75 -12.86
CA LYS A 108 -5.67 -9.03 -11.60
C LYS A 108 -5.91 -10.52 -11.45
N CYS A 109 -5.86 -11.01 -10.21
CA CYS A 109 -6.10 -12.43 -9.94
C CYS A 109 -6.64 -12.57 -8.53
N GLU A 110 -7.33 -13.68 -8.20
CA GLU A 110 -7.87 -13.87 -6.85
C GLU A 110 -6.80 -14.44 -5.92
N HIS A 111 -6.65 -13.78 -4.80
CA HIS A 111 -5.66 -14.09 -3.80
C HIS A 111 -6.33 -14.86 -2.64
N HIS A 112 -6.29 -16.19 -2.69
CA HIS A 112 -6.74 -17.03 -1.54
C HIS A 112 -8.21 -16.84 -1.24
N THR A 113 -9.03 -16.54 -2.24
CA THR A 113 -10.41 -16.22 -1.97
C THR A 113 -11.19 -16.40 -3.24
N LYS A 114 -12.52 -16.45 -3.12
CA LYS A 114 -13.37 -16.69 -4.28
CA LYS A 114 -13.40 -16.68 -4.25
C LYS A 114 -13.70 -15.41 -5.02
N GLY A 115 -13.85 -15.50 -6.34
CA GLY A 115 -14.32 -14.31 -7.04
C GLY A 115 -14.22 -14.48 -8.53
N LYS A 116 -14.46 -13.38 -9.22
CA LYS A 116 -14.59 -13.33 -10.67
C LYS A 116 -13.28 -13.27 -11.42
N TYR A 117 -12.14 -13.05 -10.79
CA TYR A 117 -10.86 -13.01 -11.50
C TYR A 117 -10.25 -14.40 -11.54
N PRO A 118 -9.35 -14.69 -12.49
CA PRO A 118 -8.63 -15.97 -12.45
C PRO A 118 -7.91 -16.10 -11.11
N PRO A 119 -7.84 -17.33 -10.56
CA PRO A 119 -7.03 -17.54 -9.35
C PRO A 119 -5.59 -17.14 -9.57
N CYS A 120 -4.97 -16.59 -8.52
CA CYS A 120 -3.53 -16.29 -8.61
C CYS A 120 -2.68 -17.54 -8.72
N GLY A 121 -3.14 -18.63 -8.12
N GLY A 121 -3.14 -18.64 -8.15
CA GLY A 121 -2.30 -19.81 -8.09
CA GLY A 121 -2.35 -19.89 -8.21
C GLY A 121 -0.96 -19.57 -7.45
C GLY A 121 -1.17 -19.90 -7.24
N SER A 122 -0.08 -20.55 -7.66
CA SER A 122 1.15 -20.67 -6.93
C SER A 122 2.36 -20.03 -7.57
N LYS A 123 2.40 -19.88 -8.88
CA LYS A 123 3.57 -19.36 -9.62
CA LYS A 123 3.68 -19.40 -9.44
C LYS A 123 3.75 -17.87 -9.35
N ILE A 124 4.99 -17.40 -9.30
CA ILE A 124 5.33 -16.00 -9.10
C ILE A 124 6.07 -15.50 -10.33
N TYR A 125 5.71 -14.32 -10.83
CA TYR A 125 6.42 -13.75 -11.99
C TYR A 125 7.80 -13.30 -11.59
N LYS A 126 8.71 -13.27 -12.56
CA LYS A 126 10.00 -12.66 -12.26
CA LYS A 126 10.02 -12.65 -12.42
C LYS A 126 9.87 -11.13 -12.16
N THR A 127 10.73 -10.49 -11.38
CA THR A 127 10.66 -9.04 -11.27
C THR A 127 10.79 -8.41 -12.65
N PRO A 128 9.90 -7.48 -13.01
CA PRO A 128 10.05 -6.81 -14.31
C PRO A 128 11.32 -6.00 -14.40
N ARG A 129 11.74 -5.77 -15.65
CA ARG A 129 12.93 -4.93 -15.90
C ARG A 129 12.61 -3.47 -15.64
N CYS A 130 13.66 -2.71 -15.33
CA CYS A 130 13.53 -1.28 -15.10
C CYS A 130 13.61 -0.61 -16.50
N LYS A 131 12.47 -0.27 -17.10
CA LYS A 131 12.45 0.17 -18.53
C LYS A 131 12.62 1.66 -18.78
N GLN A 132 12.27 2.49 -17.80
CA GLN A 132 12.58 3.93 -17.87
C GLN A 132 11.99 4.56 -19.15
N THR A 133 10.78 4.11 -19.51
CA THR A 133 10.15 4.55 -20.75
C THR A 133 8.65 4.62 -20.55
N CYS A 134 8.05 5.79 -20.80
CA CYS A 134 6.59 5.87 -20.69
C CYS A 134 5.92 5.16 -21.89
N GLN A 135 4.71 4.66 -21.68
CA GLN A 135 3.98 4.04 -22.77
C GLN A 135 3.77 5.04 -23.91
N LYS A 136 3.66 4.49 -25.13
CA LYS A 136 3.64 5.35 -26.32
C LYS A 136 2.63 6.48 -26.27
N LYS A 137 1.44 6.22 -25.75
CA LYS A 137 0.43 7.28 -25.73
C LYS A 137 0.67 8.37 -24.72
N TYR A 138 1.59 8.15 -23.76
CA TYR A 138 1.77 9.11 -22.68
C TYR A 138 2.90 10.02 -23.08
N LYS A 139 2.58 11.28 -23.24
CA LYS A 139 3.56 12.18 -23.92
CA LYS A 139 3.44 12.24 -23.91
C LYS A 139 4.32 13.09 -22.96
N THR A 140 4.77 12.50 -21.88
CA THR A 140 5.79 13.11 -21.00
C THR A 140 6.92 12.09 -20.96
N PRO A 141 8.18 12.51 -21.12
CA PRO A 141 9.27 11.54 -20.97
C PRO A 141 9.38 11.03 -19.54
N TYR A 142 9.83 9.79 -19.42
CA TYR A 142 9.94 9.15 -18.12
C TYR A 142 10.54 10.02 -17.04
N THR A 143 11.76 10.60 -17.27
CA THR A 143 12.39 11.32 -16.15
C THR A 143 11.57 12.52 -15.73
N GLN A 144 10.80 13.07 -16.66
CA GLN A 144 10.00 14.27 -16.37
C GLN A 144 8.67 13.95 -15.73
N ASP A 145 8.33 12.66 -15.61
CA ASP A 145 7.07 12.26 -14.95
C ASP A 145 7.31 11.85 -13.49
N LYS A 146 8.56 11.98 -13.00
CA LYS A 146 8.88 11.55 -11.66
CA LYS A 146 8.92 11.59 -11.65
C LYS A 146 8.30 12.51 -10.62
N HIS A 147 7.70 11.91 -9.59
CA HIS A 147 7.19 12.62 -8.39
C HIS A 147 8.07 12.23 -7.21
N ARG A 148 8.60 13.22 -6.51
CA ARG A 148 9.57 12.99 -5.43
C ARG A 148 9.08 13.48 -4.07
N GLY A 149 9.43 12.74 -3.03
CA GLY A 149 9.25 13.19 -1.66
C GLY A 149 10.38 14.11 -1.24
N LYS A 150 10.14 14.75 -0.09
CA LYS A 150 11.21 15.54 0.57
C LYS A 150 11.85 14.77 1.72
N SER A 151 11.04 14.03 2.49
CA SER A 151 11.59 13.26 3.60
C SER A 151 10.86 11.95 3.76
N SER A 152 11.55 11.00 4.39
CA SER A 152 10.89 9.78 4.78
C SER A 152 11.36 9.40 6.17
N TYR A 153 10.61 8.54 6.84
CA TYR A 153 10.87 8.25 8.24
C TYR A 153 10.08 7.03 8.68
N ASN A 154 10.56 6.40 9.75
CA ASN A 154 9.77 5.44 10.46
C ASN A 154 8.93 6.12 11.52
N VAL A 155 7.71 5.65 11.71
CA VAL A 155 6.81 6.25 12.69
C VAL A 155 7.03 5.51 13.98
N LYS A 156 7.01 6.26 15.09
CA LYS A 156 7.19 5.69 16.42
C LYS A 156 6.20 4.54 16.68
N ASN A 157 6.65 3.50 17.36
CA ASN A 157 5.79 2.32 17.66
CA ASN A 157 5.83 2.31 17.68
C ASN A 157 4.89 2.58 18.85
N ASP A 158 3.98 3.50 18.66
CA ASP A 158 3.07 3.97 19.72
C ASP A 158 1.73 4.24 19.01
N GLU A 159 0.65 3.69 19.56
CA GLU A 159 -0.67 3.82 18.93
C GLU A 159 -1.04 5.28 18.69
N LYS A 160 -0.94 6.14 19.70
CA LYS A 160 -1.35 7.53 19.52
C LYS A 160 -0.47 8.24 18.46
N ALA A 161 0.83 7.97 18.46
CA ALA A 161 1.70 8.58 17.47
C ALA A 161 1.29 8.18 16.05
N ILE A 162 0.95 6.89 15.86
CA ILE A 162 0.52 6.45 14.55
C ILE A 162 -0.78 7.12 14.14
N GLN A 163 -1.72 7.19 15.08
CA GLN A 163 -3.00 7.88 14.78
C GLN A 163 -2.77 9.33 14.41
N LYS A 164 -1.94 10.03 15.19
CA LYS A 164 -1.68 11.46 14.89
CA LYS A 164 -1.66 11.45 14.88
C LYS A 164 -1.07 11.61 13.51
N GLU A 165 -0.10 10.73 13.20
CA GLU A 165 0.58 10.80 11.91
C GLU A 165 -0.43 10.64 10.74
N ILE A 166 -1.32 9.64 10.85
CA ILE A 166 -2.26 9.39 9.77
C ILE A 166 -3.21 10.55 9.63
N MET A 167 -3.72 11.06 10.75
CA MET A 167 -4.71 12.11 10.64
CA MET A 167 -4.66 12.15 10.75
C MET A 167 -4.10 13.43 10.16
N LYS A 168 -2.83 13.69 10.45
CA LYS A 168 -2.23 14.98 9.99
C LYS A 168 -1.66 14.87 8.61
N TYR A 169 -0.97 13.76 8.27
CA TYR A 169 -0.19 13.67 7.03
C TYR A 169 -0.69 12.65 6.05
N GLY A 170 -1.65 11.76 6.46
CA GLY A 170 -2.27 10.83 5.52
C GLY A 170 -1.93 9.39 5.80
N PRO A 171 -2.51 8.47 5.01
CA PRO A 171 -2.23 7.04 5.18
C PRO A 171 -0.73 6.73 5.21
N VAL A 172 -0.41 5.70 5.97
CA VAL A 172 0.97 5.23 6.13
C VAL A 172 1.13 3.84 5.54
N GLU A 173 2.37 3.49 5.20
CA GLU A 173 2.63 2.07 4.92
C GLU A 173 2.99 1.38 6.24
N ALA A 174 2.65 0.09 6.35
CA ALA A 174 3.02 -0.65 7.56
C ALA A 174 3.24 -2.11 7.27
N GLY A 175 4.24 -2.70 7.92
CA GLY A 175 4.47 -4.12 7.85
C GLY A 175 3.84 -4.87 8.99
N PHE A 176 3.57 -6.16 8.78
CA PHE A 176 3.08 -7.03 9.86
C PHE A 176 3.45 -8.46 9.47
N THR A 177 3.41 -9.35 10.46
CA THR A 177 3.69 -10.77 10.20
C THR A 177 2.43 -11.45 9.74
N VAL A 178 2.52 -12.05 8.54
CA VAL A 178 1.41 -12.74 7.92
C VAL A 178 1.46 -14.22 8.27
N TYR A 179 0.43 -14.68 8.98
CA TYR A 179 0.30 -16.10 9.32
C TYR A 179 -0.73 -16.74 8.40
N GLU A 180 -0.73 -18.07 8.35
CA GLU A 180 -1.60 -18.77 7.38
C GLU A 180 -3.07 -18.37 7.53
N ASP A 181 -3.58 -18.11 8.77
CA ASP A 181 -4.99 -17.80 8.88
C ASP A 181 -5.37 -16.44 8.26
N PHE A 182 -4.40 -15.55 8.03
CA PHE A 182 -4.73 -14.29 7.35
C PHE A 182 -5.22 -14.57 5.92
N LEU A 183 -4.76 -15.63 5.26
N LEU A 183 -4.65 -15.60 5.33
CA LEU A 183 -5.19 -15.92 3.85
CA LEU A 183 -5.03 -15.97 3.99
C LEU A 183 -6.60 -16.53 3.78
C LEU A 183 -6.53 -16.06 3.87
N ASN A 184 -7.15 -16.72 4.93
CA ASN A 184 -8.56 -17.11 4.99
C ASN A 184 -9.49 -15.99 5.40
N TYR A 185 -8.94 -14.79 5.59
CA TYR A 185 -9.75 -13.68 6.10
C TYR A 185 -10.83 -13.34 5.07
N LYS A 186 -12.06 -13.18 5.58
CA LYS A 186 -13.20 -12.78 4.76
C LYS A 186 -13.72 -11.43 5.23
N SER A 187 -13.84 -11.24 6.55
CA SER A 187 -14.40 -10.01 7.12
C SER A 187 -14.11 -9.97 8.59
N GLY A 188 -14.34 -8.80 9.21
CA GLY A 188 -14.22 -8.70 10.67
C GLY A 188 -12.90 -8.14 11.15
N ILE A 189 -12.67 -8.27 12.43
CA ILE A 189 -11.45 -7.74 13.05
C ILE A 189 -10.47 -8.90 13.22
N TYR A 190 -9.45 -8.93 12.37
CA TYR A 190 -8.49 -10.00 12.38
C TYR A 190 -7.54 -9.95 13.61
N LYS A 191 -7.24 -11.15 14.11
CA LYS A 191 -6.12 -11.41 15.01
C LYS A 191 -5.58 -12.80 14.66
N HIS A 192 -4.31 -13.02 14.95
CA HIS A 192 -3.72 -14.31 14.63
C HIS A 192 -4.16 -15.36 15.65
N ILE A 193 -4.83 -16.38 15.15
CA ILE A 193 -5.28 -17.45 16.03
CA ILE A 193 -5.37 -17.46 15.97
C ILE A 193 -4.69 -18.81 15.63
N THR A 194 -4.61 -19.11 14.31
CA THR A 194 -4.08 -20.41 13.86
C THR A 194 -3.10 -20.22 12.71
N GLY A 195 -2.27 -21.24 12.48
CA GLY A 195 -1.39 -21.25 11.33
C GLY A 195 -0.01 -20.73 11.62
N GLU A 196 0.91 -21.11 10.76
CA GLU A 196 2.29 -20.73 10.92
C GLU A 196 2.63 -19.50 10.10
N THR A 197 3.80 -18.94 10.36
CA THR A 197 4.17 -17.73 9.66
C THR A 197 4.45 -17.95 8.18
N LEU A 198 4.08 -16.97 7.36
CA LEU A 198 4.42 -16.96 5.96
C LEU A 198 5.34 -15.78 5.67
N GLY A 199 5.88 -15.14 6.72
CA GLY A 199 6.83 -14.01 6.57
C GLY A 199 6.16 -12.68 6.82
N GLY A 200 6.64 -11.62 6.19
CA GLY A 200 6.13 -10.29 6.38
C GLY A 200 5.24 -9.84 5.23
N HIS A 201 4.29 -9.01 5.55
CA HIS A 201 3.40 -8.43 4.53
C HIS A 201 3.35 -6.91 4.77
N ALA A 202 3.07 -6.12 3.77
CA ALA A 202 3.07 -4.67 3.86
C ALA A 202 1.80 -4.18 3.24
N ILE A 203 1.19 -3.20 3.92
CA ILE A 203 -0.14 -2.74 3.60
C ILE A 203 -0.21 -1.21 3.86
N ARG A 204 -1.41 -0.63 3.66
CA ARG A 204 -1.64 0.82 3.81
C ARG A 204 -2.68 1.07 4.90
N ILE A 205 -2.26 1.67 6.02
CA ILE A 205 -3.26 1.97 7.09
C ILE A 205 -3.92 3.31 6.79
N ILE A 206 -5.26 3.31 6.67
CA ILE A 206 -5.98 4.52 6.28
C ILE A 206 -6.80 5.11 7.41
N GLY A 207 -6.90 4.41 8.53
CA GLY A 207 -7.71 4.94 9.64
C GLY A 207 -7.88 3.91 10.73
N TRP A 208 -8.93 4.11 11.54
CA TRP A 208 -9.16 3.25 12.68
C TRP A 208 -10.60 3.37 13.12
N GLY A 209 -11.04 2.47 14.03
CA GLY A 209 -12.41 2.58 14.53
C GLY A 209 -12.56 1.59 15.66
N VAL A 210 -13.80 1.43 16.09
CA VAL A 210 -14.07 0.55 17.22
CA VAL A 210 -14.11 0.53 17.22
C VAL A 210 -15.49 0.00 17.01
N GLU A 211 -15.64 -1.30 17.24
CA GLU A 211 -16.93 -1.93 17.13
CA GLU A 211 -16.96 -1.93 17.15
C GLU A 211 -17.15 -2.87 18.30
N ASN A 212 -18.31 -2.75 18.99
CA ASN A 212 -18.59 -3.64 20.16
C ASN A 212 -17.42 -3.58 21.15
N LYS A 213 -16.85 -2.37 21.33
CA LYS A 213 -15.77 -2.08 22.26
C LYS A 213 -14.40 -2.58 21.77
N ALA A 214 -14.34 -3.20 20.60
CA ALA A 214 -13.12 -3.78 20.06
C ALA A 214 -12.42 -2.81 19.10
N PRO A 215 -11.24 -2.29 19.47
CA PRO A 215 -10.59 -1.27 18.59
C PRO A 215 -9.85 -1.94 17.44
N TYR A 216 -9.80 -1.25 16.30
CA TYR A 216 -9.11 -1.82 15.15
C TYR A 216 -8.46 -0.74 14.32
N TRP A 217 -7.51 -1.16 13.49
CA TRP A 217 -6.99 -0.34 12.38
C TRP A 217 -7.78 -0.71 11.13
N LEU A 218 -7.99 0.28 10.26
CA LEU A 218 -8.66 0.07 8.98
C LEU A 218 -7.57 0.15 7.89
N ILE A 219 -7.45 -0.94 7.11
CA ILE A 219 -6.32 -1.15 6.25
C ILE A 219 -6.67 -1.54 4.83
N ALA A 220 -5.98 -0.97 3.86
CA ALA A 220 -6.15 -1.46 2.47
C ALA A 220 -5.11 -2.52 2.18
N ASN A 221 -5.53 -3.70 1.71
CA ASN A 221 -4.62 -4.71 1.16
C ASN A 221 -4.49 -4.47 -0.34
N SER A 222 -3.54 -5.15 -0.99
CA SER A 222 -3.28 -5.02 -2.42
C SER A 222 -3.62 -6.33 -3.15
N TRP A 223 -4.76 -6.90 -2.79
CA TRP A 223 -5.20 -8.18 -3.33
C TRP A 223 -6.54 -8.02 -4.06
N ASN A 224 -6.78 -6.82 -4.59
CA ASN A 224 -8.02 -6.48 -5.33
C ASN A 224 -9.27 -6.37 -4.41
N GLU A 225 -10.35 -5.88 -5.00
CA GLU A 225 -11.55 -5.61 -4.24
C GLU A 225 -12.36 -6.80 -3.80
N ASP A 226 -12.07 -7.97 -4.37
CA ASP A 226 -12.82 -9.19 -4.00
C ASP A 226 -12.31 -9.76 -2.68
N TRP A 227 -11.06 -9.46 -2.29
CA TRP A 227 -10.53 -10.00 -1.06
C TRP A 227 -11.01 -9.17 0.11
N GLY A 228 -11.38 -9.84 1.20
CA GLY A 228 -11.67 -9.11 2.42
C GLY A 228 -12.92 -8.28 2.31
N GLU A 229 -12.86 -7.11 2.95
CA GLU A 229 -14.01 -6.20 3.02
C GLU A 229 -13.86 -5.21 1.89
N ASN A 230 -14.23 -5.66 0.67
CA ASN A 230 -14.09 -4.84 -0.52
CA ASN A 230 -14.07 -4.80 -0.49
C ASN A 230 -12.62 -4.37 -0.72
N GLY A 231 -11.69 -5.24 -0.35
CA GLY A 231 -10.25 -4.99 -0.51
C GLY A 231 -9.56 -4.55 0.74
N TYR A 232 -10.34 -4.17 1.74
CA TYR A 232 -9.82 -3.69 3.02
C TYR A 232 -9.87 -4.81 4.07
N PHE A 233 -9.15 -4.62 5.19
CA PHE A 233 -9.41 -5.45 6.36
C PHE A 233 -9.26 -4.60 7.59
N ARG A 234 -9.69 -5.15 8.69
CA ARG A 234 -9.49 -4.56 9.99
C ARG A 234 -8.71 -5.56 10.84
N ILE A 235 -7.89 -4.99 11.73
CA ILE A 235 -7.01 -5.78 12.61
C ILE A 235 -7.01 -5.16 13.99
N VAL A 236 -6.89 -5.97 15.05
CA VAL A 236 -6.79 -5.46 16.40
C VAL A 236 -5.81 -4.29 16.46
N ARG A 237 -6.19 -3.23 17.19
CA ARG A 237 -5.36 -2.06 17.39
C ARG A 237 -5.04 -1.88 18.88
N GLY A 238 -3.77 -1.58 19.17
CA GLY A 238 -3.35 -1.21 20.48
C GLY A 238 -2.49 -2.24 21.19
N ARG A 239 -2.35 -3.44 20.60
CA ARG A 239 -1.67 -4.56 21.25
C ARG A 239 -0.53 -5.06 20.36
N ASP A 240 -0.08 -4.25 19.40
CA ASP A 240 0.98 -4.61 18.47
C ASP A 240 0.69 -6.00 17.85
N GLU A 241 -0.59 -6.23 17.48
CA GLU A 241 -0.99 -7.52 16.91
C GLU A 241 -0.19 -7.79 15.64
N CYS A 242 0.48 -8.97 15.56
CA CYS A 242 1.28 -9.33 14.39
C CYS A 242 2.32 -8.22 14.06
N SER A 243 2.77 -7.44 15.07
CA SER A 243 3.73 -6.35 14.90
C SER A 243 3.19 -5.19 14.05
N ILE A 244 1.87 -5.02 14.00
CA ILE A 244 1.26 -3.97 13.16
C ILE A 244 1.61 -2.55 13.59
N GLU A 245 2.03 -2.38 14.86
CA GLU A 245 2.40 -1.02 15.29
C GLU A 245 3.89 -0.81 15.28
N SER A 246 4.65 -1.77 14.76
CA SER A 246 6.10 -1.73 14.91
C SER A 246 6.88 -1.58 13.61
N GLU A 247 6.19 -1.48 12.47
CA GLU A 247 6.85 -1.42 11.16
CA GLU A 247 6.91 -1.34 11.19
C GLU A 247 6.19 -0.35 10.29
N VAL A 248 5.87 0.79 10.86
CA VAL A 248 5.13 1.86 10.14
C VAL A 248 6.15 2.83 9.55
N THR A 249 5.98 3.13 8.26
CA THR A 249 6.93 3.99 7.52
C THR A 249 6.13 4.95 6.65
N ALA A 250 6.58 6.21 6.52
CA ALA A 250 5.91 7.12 5.64
C ALA A 250 6.88 8.25 5.28
N GLY A 251 6.32 9.38 4.83
CA GLY A 251 7.17 10.47 4.37
C GLY A 251 6.34 11.61 3.87
N ARG A 252 7.01 12.71 3.53
CA ARG A 252 6.30 13.92 3.20
C ARG A 252 6.92 14.59 2.00
N ILE A 253 6.08 15.31 1.25
CA ILE A 253 6.59 15.98 0.04
C ILE A 253 7.12 17.39 0.36
N ASN A 254 6.85 17.88 1.58
CA ASN A 254 7.25 19.24 1.94
C ASN A 254 7.44 19.38 3.44
#